data_9OQB
#
_entry.id   9OQB
#
_cell.length_a   167.177
_cell.length_b   55.030
_cell.length_c   120.179
_cell.angle_alpha   90.00
_cell.angle_beta   129.77
_cell.angle_gamma   90.00
#
_symmetry.space_group_name_H-M   'C 1 2 1'
#
loop_
_entity.id
_entity.type
_entity.pdbx_description
1 polymer "Bis(5'-nucleosyl)-tetraphosphatase, symmetrical"
2 polymer 'RNA Up4AGG'
3 non-polymer GLYCEROL
4 non-polymer 'SULFATE ION'
5 non-polymer 'MANGANESE (II) ION'
6 non-polymer 'MAGNESIUM ION'
7 non-polymer '4-(2-HYDROXYETHYL)-1-PIPERAZINE ETHANESULFONIC ACID'
8 water water
#
loop_
_entity_poly.entity_id
_entity_poly.type
_entity_poly.pdbx_seq_one_letter_code
_entity_poly.pdbx_strand_id
1 'polypeptide(L)'
;MATYLIGDVHGCYDELIALLHKVEFTPGKDTLWLTGDLVARGPGSLDVLRYVKSLGDSVRLVLGNHDLHLLAVFAGISRN
KPKDRLTPLLEAPDADELLNWLRRQPLLQIDEEKKLVMAHAGITPQWDLQTAKECARDVEAVLSSDSYPFFLDAMYGDMP
NNWSPELRGLGRLRFITNAFTRMRFCFPNGQLDMYSKESPEEAPAPLKPWFAIPGPVAEEYSIAFGHWASLEGKGTPEGI
YALDTGCCWGGTLTCLRWEDKQYFVQPSNRHKDLGEAAASHHHHHH
;
A,B
2 'polyribonucleotide' (A1L89)GG C,D
#
loop_
_chem_comp.id
_chem_comp.type
_chem_comp.name
_chem_comp.formula
A1L89 non-polymer 'P1-(5'-Adenosyl) P4-(5'-uridyl) tetraphosphate' 'C19 H27 N7 O21 P4'
EPE non-polymer '4-(2-HYDROXYETHYL)-1-PIPERAZINE ETHANESULFONIC ACID' 'C8 H18 N2 O4 S'
G RNA linking GUANOSINE-5'-MONOPHOSPHATE 'C10 H14 N5 O8 P'
GOL non-polymer GLYCEROL 'C3 H8 O3'
MG non-polymer 'MAGNESIUM ION' 'Mg 2'
MN non-polymer 'MANGANESE (II) ION' 'Mn 2'
SO4 non-polymer 'SULFATE ION' 'O4 S -2'
#
# COMPACT_ATOMS: atom_id res chain seq x y z
N ALA A 2 1.02 -8.50 -37.04
CA ALA A 2 1.01 -9.27 -35.80
C ALA A 2 0.23 -8.52 -34.72
N THR A 3 -0.18 -9.25 -33.69
CA THR A 3 -0.91 -8.68 -32.56
C THR A 3 -0.09 -8.87 -31.30
N TYR A 4 0.15 -7.76 -30.59
CA TYR A 4 0.93 -7.75 -29.37
C TYR A 4 0.09 -7.20 -28.23
N LEU A 5 0.19 -7.85 -27.06
CA LEU A 5 -0.49 -7.41 -25.86
C LEU A 5 0.55 -7.12 -24.79
N ILE A 6 0.49 -5.95 -24.19
CA ILE A 6 1.42 -5.57 -23.14
C ILE A 6 0.65 -5.17 -21.90
N GLY A 7 1.19 -5.52 -20.72
CA GLY A 7 0.58 -5.20 -19.46
C GLY A 7 0.85 -3.78 -19.01
N ASP A 8 0.60 -3.53 -17.73
CA ASP A 8 0.65 -2.17 -17.19
C ASP A 8 2.00 -1.51 -17.46
N VAL A 9 1.98 -0.38 -18.15
CA VAL A 9 3.23 0.33 -18.46
C VAL A 9 3.62 1.23 -17.29
N HIS A 10 2.65 1.83 -16.62
CA HIS A 10 2.90 2.65 -15.43
C HIS A 10 4.05 3.64 -15.67
N GLY A 11 3.98 4.38 -16.77
CA GLY A 11 4.96 5.41 -17.02
C GLY A 11 6.33 4.93 -17.44
N CYS A 12 6.54 3.62 -17.60
CA CYS A 12 7.86 3.08 -17.95
C CYS A 12 8.05 3.15 -19.46
N TYR A 13 8.21 4.39 -19.94
CA TYR A 13 8.31 4.64 -21.37
C TYR A 13 9.52 3.95 -21.98
N ASP A 14 10.68 4.04 -21.34
CA ASP A 14 11.90 3.44 -21.89
C ASP A 14 11.72 1.93 -22.08
N GLU A 15 11.17 1.26 -21.07
CA GLU A 15 10.98 -0.19 -21.16
C GLU A 15 9.98 -0.55 -22.24
N LEU A 16 8.90 0.22 -22.37
CA LEU A 16 7.93 0.00 -23.43
C LEU A 16 8.56 0.11 -24.81
N ILE A 17 9.33 1.17 -25.05
CA ILE A 17 9.91 1.34 -26.38
C ILE A 17 10.91 0.22 -26.66
N ALA A 18 11.72 -0.15 -25.66
CA ALA A 18 12.66 -1.23 -25.86
C ALA A 18 11.96 -2.53 -26.21
N LEU A 19 10.89 -2.85 -25.48
CA LEU A 19 10.13 -4.07 -25.76
C LEU A 19 9.55 -4.04 -27.18
N LEU A 20 9.00 -2.90 -27.59
CA LEU A 20 8.42 -2.80 -28.93
C LEU A 20 9.48 -2.92 -30.02
N HIS A 21 10.66 -2.34 -29.80
CA HIS A 21 11.75 -2.49 -30.77
C HIS A 21 12.22 -3.93 -30.84
N LYS A 22 12.19 -4.63 -29.72
CA LYS A 22 12.55 -6.04 -29.68
C LYS A 22 11.67 -6.87 -30.59
N VAL A 23 10.35 -6.60 -30.61
CA VAL A 23 9.45 -7.32 -31.49
C VAL A 23 9.29 -6.64 -32.84
N GLU A 24 10.01 -5.55 -33.07
CA GLU A 24 9.89 -4.75 -34.28
C GLU A 24 8.43 -4.42 -34.59
N PHE A 25 7.75 -3.91 -33.57
CA PHE A 25 6.40 -3.39 -33.73
C PHE A 25 6.37 -2.35 -34.86
N THR A 26 5.49 -2.58 -35.83
CA THR A 26 5.38 -1.71 -37.01
C THR A 26 3.95 -1.18 -37.10
N PRO A 27 3.70 0.06 -36.72
CA PRO A 27 2.34 0.62 -36.88
C PRO A 27 1.88 0.48 -38.31
N GLY A 28 0.61 0.13 -38.48
CA GLY A 28 0.05 -0.04 -39.81
C GLY A 28 0.07 -1.48 -40.28
N LYS A 29 1.01 -2.28 -39.77
CA LYS A 29 1.04 -3.72 -40.02
C LYS A 29 0.73 -4.51 -38.77
N ASP A 30 1.01 -3.95 -37.59
CA ASP A 30 0.80 -4.58 -36.30
C ASP A 30 -0.22 -3.79 -35.49
N THR A 31 -0.84 -4.45 -34.51
CA THR A 31 -1.73 -3.79 -33.56
C THR A 31 -1.27 -4.08 -32.13
N LEU A 32 -1.22 -3.03 -31.31
CA LEU A 32 -0.81 -3.15 -29.91
C LEU A 32 -2.04 -3.06 -29.02
N TRP A 33 -2.25 -4.05 -28.16
CA TRP A 33 -3.24 -4.00 -27.10
C TRP A 33 -2.56 -3.63 -25.79
N LEU A 34 -3.14 -2.70 -25.05
CA LEU A 34 -2.60 -2.29 -23.76
C LEU A 34 -3.67 -2.45 -22.68
N THR A 35 -3.29 -3.07 -21.56
CA THR A 35 -4.22 -3.41 -20.49
C THR A 35 -4.52 -2.25 -19.53
N GLY A 36 -4.09 -1.03 -19.84
CA GLY A 36 -4.37 0.09 -18.96
C GLY A 36 -3.30 0.32 -17.90
N ASP A 37 -3.56 1.34 -17.08
CA ASP A 37 -2.59 1.89 -16.14
C ASP A 37 -1.32 2.29 -16.89
N LEU A 38 -1.53 3.14 -17.90
CA LEU A 38 -0.42 3.69 -18.69
C LEU A 38 0.45 4.62 -17.87
N VAL A 39 -0.09 5.20 -16.81
CA VAL A 39 0.58 6.29 -16.08
C VAL A 39 0.81 5.89 -14.63
N ALA A 40 1.58 6.70 -13.92
CA ALA A 40 1.88 6.70 -12.47
C ALA A 40 3.02 5.74 -12.11
N ARG A 41 3.72 6.05 -11.03
CA ARG A 41 4.86 5.35 -10.42
C ARG A 41 6.12 5.55 -11.28
N GLY A 42 6.07 5.15 -12.55
CA GLY A 42 7.17 5.37 -13.46
C GLY A 42 7.37 6.83 -13.83
N PRO A 43 8.55 7.17 -14.36
CA PRO A 43 8.87 8.59 -14.58
C PRO A 43 8.24 9.21 -15.81
N GLY A 44 7.79 8.42 -16.78
CA GLY A 44 7.46 8.96 -18.09
C GLY A 44 6.01 8.85 -18.54
N SER A 45 5.07 9.11 -17.63
CA SER A 45 3.65 9.09 -17.99
C SER A 45 3.35 10.00 -19.19
N LEU A 46 3.95 11.20 -19.23
CA LEU A 46 3.70 12.12 -20.33
C LEU A 46 4.12 11.51 -21.66
N ASP A 47 5.31 10.92 -21.71
CA ASP A 47 5.80 10.34 -22.96
C ASP A 47 4.92 9.17 -23.39
N VAL A 48 4.52 8.33 -22.43
CA VAL A 48 3.65 7.20 -22.75
C VAL A 48 2.35 7.70 -23.36
N LEU A 49 1.73 8.71 -22.76
CA LEU A 49 0.47 9.19 -23.29
C LEU A 49 0.65 9.76 -24.69
N ARG A 50 1.68 10.59 -24.89
CA ARG A 50 1.92 11.13 -26.22
C ARG A 50 2.06 10.02 -27.25
N TYR A 51 2.87 9.00 -26.93
CA TYR A 51 3.15 7.95 -27.89
C TYR A 51 1.91 7.10 -28.19
N VAL A 52 1.21 6.67 -27.13
CA VAL A 52 0.06 5.80 -27.32
C VAL A 52 -1.02 6.54 -28.10
N LYS A 53 -1.31 7.80 -27.72
CA LYS A 53 -2.26 8.59 -28.50
C LYS A 53 -1.83 8.65 -29.97
N SER A 54 -0.53 8.87 -30.22
CA SER A 54 -0.07 8.97 -31.61
C SER A 54 -0.30 7.68 -32.39
N LEU A 55 -0.39 6.53 -31.71
CA LEU A 55 -0.56 5.27 -32.45
C LEU A 55 -1.91 5.14 -33.17
N GLY A 56 -2.93 5.91 -32.78
CA GLY A 56 -4.21 5.83 -33.49
C GLY A 56 -4.78 4.41 -33.54
N ASP A 57 -5.17 3.99 -34.75
CA ASP A 57 -5.85 2.71 -34.93
C ASP A 57 -4.95 1.50 -34.71
N SER A 58 -3.64 1.70 -34.57
CA SER A 58 -2.75 0.57 -34.30
C SER A 58 -2.69 0.21 -32.82
N VAL A 59 -3.49 0.86 -31.98
CA VAL A 59 -3.54 0.54 -30.56
C VAL A 59 -5.00 0.37 -30.13
N ARG A 60 -5.21 -0.59 -29.25
CA ARG A 60 -6.48 -0.80 -28.55
C ARG A 60 -6.17 -0.80 -27.07
N LEU A 61 -6.66 0.22 -26.38
CA LEU A 61 -6.43 0.46 -24.97
C LEU A 61 -7.67 0.12 -24.17
N VAL A 62 -7.48 -0.23 -22.91
CA VAL A 62 -8.56 -0.19 -21.92
C VAL A 62 -8.03 0.63 -20.75
N LEU A 63 -8.92 1.37 -20.11
CA LEU A 63 -8.51 2.22 -18.99
C LEU A 63 -8.40 1.42 -17.70
N GLY A 64 -7.43 1.79 -16.87
CA GLY A 64 -7.23 1.18 -15.57
C GLY A 64 -7.54 2.14 -14.42
N ASN A 65 -7.30 1.66 -13.19
CA ASN A 65 -7.60 2.49 -12.02
C ASN A 65 -6.65 3.68 -11.91
N HIS A 66 -5.42 3.55 -12.39
CA HIS A 66 -4.51 4.69 -12.31
C HIS A 66 -4.80 5.72 -13.40
N ASP A 67 -5.24 5.29 -14.59
CA ASP A 67 -5.70 6.24 -15.60
C ASP A 67 -6.88 7.07 -15.08
N LEU A 68 -7.83 6.41 -14.41
CA LEU A 68 -9.00 7.12 -13.88
C LEU A 68 -8.61 8.04 -12.72
N HIS A 69 -7.68 7.59 -11.86
CA HIS A 69 -7.19 8.50 -10.83
C HIS A 69 -6.53 9.74 -11.44
N LEU A 70 -5.73 9.55 -12.49
CA LEU A 70 -5.12 10.69 -13.16
C LEU A 70 -6.18 11.66 -13.65
N LEU A 71 -7.24 11.14 -14.27
CA LEU A 71 -8.31 12.03 -14.72
C LEU A 71 -8.95 12.75 -13.54
N ALA A 72 -9.06 12.08 -12.38
CA ALA A 72 -9.66 12.72 -11.21
C ALA A 72 -8.77 13.82 -10.65
N VAL A 73 -7.46 13.61 -10.66
CA VAL A 73 -6.53 14.68 -10.25
C VAL A 73 -6.66 15.86 -11.19
N PHE A 74 -6.62 15.58 -12.49
CA PHE A 74 -6.69 16.62 -13.51
C PHE A 74 -7.96 17.48 -13.37
N ALA A 75 -9.08 16.85 -13.03
CA ALA A 75 -10.34 17.57 -12.88
C ALA A 75 -10.49 18.26 -11.53
N GLY A 76 -9.48 18.20 -10.67
CA GLY A 76 -9.59 18.78 -9.35
C GLY A 76 -10.45 17.99 -8.39
N ILE A 77 -10.74 16.72 -8.70
CA ILE A 77 -11.55 15.91 -7.80
C ILE A 77 -10.71 15.27 -6.71
N SER A 78 -9.48 14.87 -7.03
CA SER A 78 -8.61 14.16 -6.09
C SER A 78 -7.26 14.85 -5.98
N ARG A 79 -6.58 14.55 -4.88
CA ARG A 79 -5.30 15.18 -4.57
C ARG A 79 -4.16 14.46 -5.25
N ASN A 80 -3.22 15.24 -5.77
CA ASN A 80 -2.05 14.68 -6.46
C ASN A 80 -1.10 14.07 -5.43
N LYS A 81 -0.76 12.77 -5.60
CA LYS A 81 0.20 12.14 -4.70
C LYS A 81 1.60 12.25 -5.26
N PRO A 82 2.56 12.80 -4.52
CA PRO A 82 3.92 12.92 -5.07
C PRO A 82 4.46 11.61 -5.66
N LYS A 83 4.21 10.47 -5.02
CA LYS A 83 4.78 9.21 -5.49
C LYS A 83 4.31 8.84 -6.88
N ASP A 84 3.18 9.38 -7.34
CA ASP A 84 2.68 9.06 -8.68
C ASP A 84 3.46 9.73 -9.79
N ARG A 85 4.20 10.80 -9.49
CA ARG A 85 5.03 11.50 -10.48
C ARG A 85 4.21 11.91 -11.72
N LEU A 86 3.04 12.48 -11.48
CA LEU A 86 2.17 12.94 -12.58
C LEU A 86 2.33 14.42 -12.89
N THR A 87 3.14 15.16 -12.14
CA THR A 87 3.18 16.61 -12.32
C THR A 87 3.62 17.05 -13.72
N PRO A 88 4.64 16.46 -14.36
CA PRO A 88 5.01 16.90 -15.72
C PRO A 88 3.88 16.76 -16.72
N LEU A 89 3.12 15.66 -16.64
CA LEU A 89 1.98 15.46 -17.53
C LEU A 89 0.88 16.47 -17.23
N LEU A 90 0.54 16.64 -15.95
CA LEU A 90 -0.49 17.59 -15.56
C LEU A 90 -0.15 19.00 -15.99
N GLU A 91 1.13 19.38 -15.90
CA GLU A 91 1.58 20.74 -16.21
C GLU A 91 1.94 20.93 -17.68
N ALA A 92 1.81 19.88 -18.50
CA ALA A 92 2.27 19.97 -19.87
C ALA A 92 1.35 20.86 -20.71
N PRO A 93 1.91 21.55 -21.71
CA PRO A 93 1.05 22.39 -22.56
C PRO A 93 -0.03 21.61 -23.28
N ASP A 94 0.21 20.33 -23.59
CA ASP A 94 -0.78 19.53 -24.29
C ASP A 94 -1.59 18.62 -23.36
N ALA A 95 -1.63 18.93 -22.07
CA ALA A 95 -2.32 18.07 -21.12
C ALA A 95 -3.81 17.95 -21.43
N ASP A 96 -4.47 19.06 -21.75
CA ASP A 96 -5.89 19.01 -22.07
C ASP A 96 -6.15 18.04 -23.21
N GLU A 97 -5.34 18.12 -24.27
CA GLU A 97 -5.54 17.24 -25.42
C GLU A 97 -5.34 15.78 -25.04
N LEU A 98 -4.23 15.49 -24.35
CA LEU A 98 -3.94 14.11 -23.98
C LEU A 98 -5.04 13.52 -23.10
N LEU A 99 -5.48 14.27 -22.10
CA LEU A 99 -6.42 13.71 -21.13
C LEU A 99 -7.85 13.66 -21.68
N ASN A 100 -8.25 14.64 -22.51
CA ASN A 100 -9.54 14.54 -23.18
C ASN A 100 -9.55 13.36 -24.14
N TRP A 101 -8.39 12.99 -24.70
CA TRP A 101 -8.32 11.76 -25.47
C TRP A 101 -8.42 10.54 -24.55
N LEU A 102 -7.69 10.55 -23.43
CA LEU A 102 -7.66 9.40 -22.53
C LEU A 102 -9.06 9.05 -22.06
N ARG A 103 -9.82 10.03 -21.59
CA ARG A 103 -11.13 9.74 -21.03
C ARG A 103 -12.13 9.22 -22.06
N ARG A 104 -11.80 9.31 -23.35
CA ARG A 104 -12.64 8.77 -24.41
C ARG A 104 -12.34 7.32 -24.77
N GLN A 105 -11.40 6.67 -24.06
CA GLN A 105 -11.01 5.32 -24.44
C GLN A 105 -11.86 4.27 -23.73
N PRO A 106 -11.95 3.07 -24.29
CA PRO A 106 -12.88 2.07 -23.75
C PRO A 106 -12.42 1.52 -22.41
N LEU A 107 -13.37 0.89 -21.72
CA LEU A 107 -13.08 0.04 -20.57
C LEU A 107 -12.95 -1.42 -20.96
N LEU A 108 -13.34 -1.76 -22.19
CA LEU A 108 -13.42 -3.16 -22.62
C LEU A 108 -13.12 -3.21 -24.11
N GLN A 109 -12.27 -4.17 -24.50
CA GLN A 109 -11.99 -4.43 -25.90
C GLN A 109 -12.40 -5.85 -26.21
N ILE A 110 -13.10 -6.04 -27.34
CA ILE A 110 -13.52 -7.36 -27.78
C ILE A 110 -13.11 -7.54 -29.23
N ASP A 111 -12.49 -8.68 -29.54
CA ASP A 111 -12.17 -9.06 -30.91
C ASP A 111 -12.77 -10.44 -31.17
N GLU A 112 -13.83 -10.47 -31.99
CA GLU A 112 -14.55 -11.72 -32.21
C GLU A 112 -13.73 -12.70 -33.03
N GLU A 113 -13.01 -12.21 -34.05
CA GLU A 113 -12.21 -13.09 -34.88
C GLU A 113 -11.10 -13.78 -34.08
N LYS A 114 -10.51 -13.07 -33.12
CA LYS A 114 -9.51 -13.66 -32.24
C LYS A 114 -10.13 -14.35 -31.02
N LYS A 115 -11.44 -14.20 -30.81
CA LYS A 115 -12.11 -14.72 -29.62
C LYS A 115 -11.44 -14.18 -28.34
N LEU A 116 -11.14 -12.89 -28.34
CA LEU A 116 -10.32 -12.28 -27.30
C LEU A 116 -11.05 -11.12 -26.63
N VAL A 117 -10.96 -11.06 -25.31
CA VAL A 117 -11.54 -9.96 -24.53
C VAL A 117 -10.47 -9.39 -23.62
N MET A 118 -10.43 -8.07 -23.51
CA MET A 118 -9.49 -7.39 -22.62
C MET A 118 -10.21 -6.36 -21.77
N ALA A 119 -9.88 -6.35 -20.48
CA ALA A 119 -10.20 -5.28 -19.57
C ALA A 119 -9.08 -5.20 -18.54
N HIS A 120 -9.03 -4.10 -17.79
CA HIS A 120 -7.87 -3.88 -16.92
C HIS A 120 -7.75 -4.98 -15.89
N ALA A 121 -8.81 -5.24 -15.12
CA ALA A 121 -8.79 -6.22 -14.03
C ALA A 121 -9.34 -7.59 -14.41
N GLY A 122 -10.08 -7.70 -15.52
CA GLY A 122 -10.69 -8.95 -15.97
C GLY A 122 -12.17 -8.80 -16.16
N ILE A 123 -12.85 -9.93 -16.31
CA ILE A 123 -14.31 -9.98 -16.43
C ILE A 123 -14.84 -10.72 -15.22
N THR A 124 -15.64 -10.05 -14.41
CA THR A 124 -16.20 -10.73 -13.23
C THR A 124 -17.10 -11.90 -13.64
N PRO A 125 -17.04 -13.00 -12.91
CA PRO A 125 -17.82 -14.20 -13.30
C PRO A 125 -19.35 -14.04 -13.28
N GLN A 126 -19.84 -13.00 -12.61
CA GLN A 126 -21.28 -12.71 -12.59
C GLN A 126 -21.76 -12.02 -13.86
N TRP A 127 -20.91 -11.76 -14.82
CA TRP A 127 -21.28 -11.09 -16.06
C TRP A 127 -21.17 -12.05 -17.24
N ASP A 128 -22.10 -11.92 -18.18
CA ASP A 128 -21.96 -12.45 -19.52
C ASP A 128 -21.47 -11.34 -20.45
N LEU A 129 -21.22 -11.70 -21.72
CA LEU A 129 -20.61 -10.73 -22.62
C LEU A 129 -21.53 -9.55 -22.90
N GLN A 130 -22.83 -9.80 -23.06
CA GLN A 130 -23.74 -8.69 -23.35
C GLN A 130 -23.80 -7.70 -22.18
N THR A 131 -23.80 -8.21 -20.95
CA THR A 131 -23.82 -7.32 -19.79
C THR A 131 -22.50 -6.55 -19.66
N ALA A 132 -21.37 -7.23 -19.86
CA ALA A 132 -20.09 -6.53 -19.85
C ALA A 132 -20.09 -5.41 -20.87
N LYS A 133 -20.59 -5.68 -22.08
CA LYS A 133 -20.63 -4.65 -23.11
C LYS A 133 -21.46 -3.46 -22.67
N GLU A 134 -22.66 -3.71 -22.14
CA GLU A 134 -23.54 -2.59 -21.77
C GLU A 134 -22.96 -1.77 -20.63
N CYS A 135 -22.37 -2.44 -19.63
CA CYS A 135 -21.78 -1.71 -18.51
C CYS A 135 -20.59 -0.87 -18.98
N ALA A 136 -19.75 -1.43 -19.85
CA ALA A 136 -18.67 -0.66 -20.42
C ALA A 136 -19.22 0.59 -21.09
N ARG A 137 -20.29 0.43 -21.88
CA ARG A 137 -20.85 1.58 -22.59
C ARG A 137 -21.38 2.65 -21.62
N ASP A 138 -22.02 2.22 -20.53
CA ASP A 138 -22.54 3.20 -19.57
C ASP A 138 -21.41 4.05 -18.99
N VAL A 139 -20.36 3.38 -18.50
CA VAL A 139 -19.29 4.16 -17.87
C VAL A 139 -18.56 4.99 -18.92
N GLU A 140 -18.32 4.44 -20.11
CA GLU A 140 -17.67 5.21 -21.16
C GLU A 140 -18.48 6.45 -21.51
N ALA A 141 -19.81 6.34 -21.49
CA ALA A 141 -20.63 7.51 -21.81
C ALA A 141 -20.44 8.59 -20.77
N VAL A 142 -20.35 8.23 -19.49
CA VAL A 142 -20.14 9.30 -18.52
C VAL A 142 -18.73 9.87 -18.64
N LEU A 143 -17.72 9.00 -18.81
CA LEU A 143 -16.34 9.48 -18.88
C LEU A 143 -16.12 10.41 -20.07
N SER A 144 -16.80 10.19 -21.18
CA SER A 144 -16.58 10.99 -22.37
C SER A 144 -17.51 12.20 -22.47
N SER A 145 -18.35 12.42 -21.47
CA SER A 145 -19.28 13.54 -21.44
C SER A 145 -18.63 14.81 -20.87
N ASP A 146 -19.27 15.95 -21.15
CA ASP A 146 -18.80 17.21 -20.58
C ASP A 146 -18.79 17.20 -19.06
N SER A 147 -19.61 16.36 -18.43
CA SER A 147 -19.78 16.38 -16.98
C SER A 147 -18.98 15.29 -16.26
N TYR A 148 -17.90 14.81 -16.87
CA TYR A 148 -17.18 13.67 -16.31
C TYR A 148 -16.62 13.91 -14.90
N PRO A 149 -16.29 15.14 -14.47
CA PRO A 149 -15.80 15.29 -13.10
C PRO A 149 -16.78 14.82 -12.04
N PHE A 150 -18.08 14.99 -12.28
CA PHE A 150 -19.08 14.48 -11.34
C PHE A 150 -19.01 12.95 -11.23
N PHE A 151 -18.93 12.25 -12.37
CA PHE A 151 -18.78 10.80 -12.26
C PHE A 151 -17.52 10.47 -11.49
N LEU A 152 -16.38 11.05 -11.89
CA LEU A 152 -15.13 10.71 -11.23
C LEU A 152 -15.24 10.88 -9.73
N ASP A 153 -15.92 11.94 -9.28
CA ASP A 153 -16.16 12.10 -7.85
C ASP A 153 -17.01 10.96 -7.31
N ALA A 154 -18.01 10.53 -8.07
CA ALA A 154 -18.90 9.47 -7.59
C ALA A 154 -18.23 8.11 -7.55
N MET A 155 -17.25 7.86 -8.42
CA MET A 155 -16.74 6.50 -8.63
C MET A 155 -16.12 5.91 -7.37
N TYR A 156 -15.60 6.73 -6.48
CA TYR A 156 -14.88 6.20 -5.32
C TYR A 156 -15.86 5.51 -4.38
N GLY A 157 -15.41 4.40 -3.79
CA GLY A 157 -16.25 3.60 -2.91
C GLY A 157 -16.09 2.12 -3.21
N ASP A 158 -16.34 1.29 -2.19
CA ASP A 158 -16.15 -0.16 -2.32
C ASP A 158 -17.46 -0.95 -2.39
N MET A 159 -18.62 -0.31 -2.29
CA MET A 159 -19.91 -0.98 -2.36
C MET A 159 -20.78 -0.35 -3.46
N PRO A 160 -21.81 -1.07 -3.96
CA PRO A 160 -22.18 -2.46 -3.70
C PRO A 160 -21.19 -3.39 -4.35
N ASN A 161 -21.00 -4.60 -3.84
CA ASN A 161 -19.99 -5.50 -4.39
C ASN A 161 -20.61 -6.74 -5.04
N ASN A 162 -21.90 -6.72 -5.30
CA ASN A 162 -22.59 -7.86 -5.89
C ASN A 162 -23.39 -7.36 -7.07
N TRP A 163 -23.28 -8.03 -8.20
CA TRP A 163 -23.98 -7.55 -9.39
C TRP A 163 -25.45 -7.94 -9.37
N SER A 164 -26.30 -6.99 -9.77
CA SER A 164 -27.71 -7.20 -10.00
C SER A 164 -28.09 -6.28 -11.16
N PRO A 165 -28.83 -6.77 -12.16
CA PRO A 165 -29.29 -5.88 -13.25
C PRO A 165 -30.22 -4.78 -12.79
N GLU A 166 -30.80 -4.89 -11.59
CA GLU A 166 -31.63 -3.86 -10.99
C GLU A 166 -30.82 -2.82 -10.23
N LEU A 167 -29.49 -2.91 -10.22
CA LEU A 167 -28.70 -1.81 -9.69
C LEU A 167 -28.93 -0.58 -10.55
N ARG A 168 -29.04 0.57 -9.90
CA ARG A 168 -29.27 1.83 -10.59
C ARG A 168 -28.36 2.90 -10.02
N GLY A 169 -28.17 3.96 -10.80
CA GLY A 169 -27.49 5.16 -10.33
C GLY A 169 -26.08 4.93 -9.82
N LEU A 170 -25.76 5.60 -8.70
CA LEU A 170 -24.38 5.64 -8.23
C LEU A 170 -23.84 4.24 -7.95
N GLY A 171 -24.65 3.39 -7.31
CA GLY A 171 -24.17 2.05 -6.99
C GLY A 171 -23.85 1.23 -8.22
N ARG A 172 -24.68 1.35 -9.25
CA ARG A 172 -24.40 0.65 -10.50
C ARG A 172 -23.07 1.11 -11.09
N LEU A 173 -22.87 2.43 -11.17
CA LEU A 173 -21.61 2.91 -11.73
C LEU A 173 -20.41 2.46 -10.90
N ARG A 174 -20.53 2.50 -9.57
CA ARG A 174 -19.41 2.09 -8.74
C ARG A 174 -19.07 0.62 -8.96
N PHE A 175 -20.08 -0.26 -8.98
CA PHE A 175 -19.78 -1.67 -9.22
C PHE A 175 -19.10 -1.87 -10.55
N ILE A 176 -19.63 -1.26 -11.61
CA ILE A 176 -19.02 -1.43 -12.93
C ILE A 176 -17.57 -1.00 -12.90
N THR A 177 -17.29 0.16 -12.31
CA THR A 177 -15.90 0.65 -12.26
C THR A 177 -15.00 -0.28 -11.46
N ASN A 178 -15.47 -0.73 -10.30
CA ASN A 178 -14.64 -1.61 -9.47
C ASN A 178 -14.40 -2.94 -10.16
N ALA A 179 -15.43 -3.49 -10.82
CA ALA A 179 -15.28 -4.76 -11.52
C ALA A 179 -14.28 -4.66 -12.65
N PHE A 180 -14.34 -3.58 -13.44
CA PHE A 180 -13.44 -3.46 -14.59
C PHE A 180 -12.03 -3.09 -14.18
N THR A 181 -11.85 -2.24 -13.17
CA THR A 181 -10.52 -1.69 -12.91
C THR A 181 -9.91 -2.02 -11.56
N ARG A 182 -10.63 -2.65 -10.63
CA ARG A 182 -10.05 -2.93 -9.33
C ARG A 182 -10.17 -4.38 -8.87
N MET A 183 -10.90 -5.23 -9.61
CA MET A 183 -11.21 -6.59 -9.18
C MET A 183 -9.95 -7.44 -9.08
N ARG A 184 -9.83 -8.18 -7.98
CA ARG A 184 -8.81 -9.20 -7.81
C ARG A 184 -9.45 -10.49 -7.33
N PHE A 185 -9.84 -10.53 -6.05
CA PHE A 185 -10.41 -11.71 -5.42
C PHE A 185 -11.94 -11.69 -5.45
N CYS A 186 -12.54 -12.87 -5.42
CA CYS A 186 -13.99 -13.04 -5.36
C CYS A 186 -14.36 -13.99 -4.21
N PHE A 187 -15.57 -13.87 -3.71
CA PHE A 187 -16.19 -14.88 -2.86
C PHE A 187 -16.85 -15.96 -3.72
N PRO A 188 -17.15 -17.12 -3.13
CA PRO A 188 -17.70 -18.23 -3.95
C PRO A 188 -18.90 -17.88 -4.84
N ASN A 189 -19.78 -16.96 -4.42
CA ASN A 189 -20.92 -16.55 -5.24
C ASN A 189 -20.56 -15.52 -6.31
N GLY A 190 -19.33 -15.05 -6.32
CA GLY A 190 -18.88 -14.05 -7.28
C GLY A 190 -18.71 -12.64 -6.72
N GLN A 191 -19.01 -12.44 -5.44
CA GLN A 191 -18.91 -11.14 -4.80
C GLN A 191 -17.50 -10.58 -4.89
N LEU A 192 -17.40 -9.29 -5.14
CA LEU A 192 -16.10 -8.63 -5.19
C LEU A 192 -15.57 -8.40 -3.78
N ASP A 193 -14.32 -8.77 -3.56
CA ASP A 193 -13.57 -8.32 -2.40
C ASP A 193 -12.72 -7.14 -2.83
N MET A 194 -12.77 -6.04 -2.06
CA MET A 194 -12.09 -4.82 -2.44
C MET A 194 -10.89 -4.52 -1.54
N TYR A 195 -10.39 -5.50 -0.80
CA TYR A 195 -9.35 -5.23 0.17
C TYR A 195 -8.07 -6.01 -0.05
N SER A 196 -8.17 -7.27 -0.45
CA SER A 196 -6.97 -8.09 -0.58
C SER A 196 -6.27 -7.84 -1.91
N LYS A 197 -4.98 -7.53 -1.85
CA LYS A 197 -4.17 -7.24 -3.03
C LYS A 197 -2.97 -8.18 -3.14
N GLU A 198 -2.90 -9.22 -2.30
CA GLU A 198 -1.78 -10.14 -2.27
C GLU A 198 -2.00 -11.28 -3.27
N SER A 199 -1.04 -12.20 -3.33
CA SER A 199 -1.12 -13.35 -4.24
C SER A 199 -2.16 -14.37 -3.79
N PRO A 200 -2.62 -15.22 -4.72
CA PRO A 200 -3.62 -16.24 -4.34
C PRO A 200 -3.19 -17.14 -3.19
N GLU A 201 -1.91 -17.53 -3.18
CA GLU A 201 -1.38 -18.40 -2.12
C GLU A 201 -1.56 -17.76 -0.74
N GLU A 202 -1.34 -16.45 -0.64
CA GLU A 202 -1.43 -15.71 0.60
C GLU A 202 -2.85 -15.24 0.91
N ALA A 203 -3.83 -15.62 0.09
CA ALA A 203 -5.19 -15.09 0.28
C ALA A 203 -5.93 -15.85 1.37
N PRO A 204 -6.62 -15.15 2.27
CA PRO A 204 -7.41 -15.82 3.32
C PRO A 204 -8.67 -16.46 2.75
N ALA A 205 -9.19 -17.49 3.44
CA ALA A 205 -10.36 -18.22 2.97
C ALA A 205 -11.63 -17.36 3.02
N PRO A 206 -12.67 -17.65 2.16
CA PRO A 206 -12.83 -18.49 0.96
C PRO A 206 -12.55 -17.71 -0.32
N LEU A 207 -11.60 -16.78 -0.27
CA LEU A 207 -11.31 -15.92 -1.40
C LEU A 207 -10.63 -16.72 -2.50
N LYS A 208 -11.08 -16.53 -3.74
CA LYS A 208 -10.46 -17.14 -4.90
C LYS A 208 -10.34 -16.09 -6.00
N PRO A 209 -9.32 -16.19 -6.84
CA PRO A 209 -9.21 -15.24 -7.95
C PRO A 209 -10.48 -15.26 -8.79
N TRP A 210 -10.85 -14.08 -9.31
CA TRP A 210 -12.04 -14.00 -10.15
C TRP A 210 -12.01 -15.04 -11.25
N PHE A 211 -10.83 -15.31 -11.82
CA PHE A 211 -10.72 -16.24 -12.94
C PHE A 211 -10.79 -17.70 -12.51
N ALA A 212 -10.74 -17.97 -11.21
CA ALA A 212 -10.91 -19.32 -10.66
C ALA A 212 -12.37 -19.69 -10.45
N ILE A 213 -13.28 -18.79 -10.78
CA ILE A 213 -14.72 -19.01 -10.69
C ILE A 213 -15.25 -19.08 -12.12
N PRO A 214 -15.91 -20.16 -12.51
CA PRO A 214 -16.39 -20.26 -13.90
C PRO A 214 -17.40 -19.16 -14.19
N GLY A 215 -17.27 -18.57 -15.38
CA GLY A 215 -18.16 -17.53 -15.83
C GLY A 215 -18.40 -17.65 -17.32
N PRO A 216 -19.54 -17.12 -17.79
CA PRO A 216 -19.87 -17.31 -19.22
C PRO A 216 -18.80 -16.78 -20.17
N VAL A 217 -18.32 -15.57 -19.93
CA VAL A 217 -17.34 -14.97 -20.85
C VAL A 217 -16.10 -15.84 -20.93
N ALA A 218 -15.56 -16.23 -19.78
CA ALA A 218 -14.31 -16.97 -19.78
C ALA A 218 -14.45 -18.35 -20.39
N GLU A 219 -15.69 -18.86 -20.48
CA GLU A 219 -15.93 -20.12 -21.15
C GLU A 219 -15.96 -19.98 -22.66
N GLU A 220 -16.33 -18.80 -23.19
CA GLU A 220 -16.31 -18.67 -24.65
C GLU A 220 -15.11 -17.90 -25.21
N TYR A 221 -14.40 -17.13 -24.39
CA TYR A 221 -13.38 -16.23 -24.88
C TYR A 221 -12.10 -16.40 -24.08
N SER A 222 -10.96 -16.09 -24.69
CA SER A 222 -9.77 -15.82 -23.90
C SER A 222 -9.92 -14.43 -23.29
N ILE A 223 -9.29 -14.23 -22.13
CA ILE A 223 -9.33 -12.94 -21.45
C ILE A 223 -7.91 -12.54 -21.09
N ALA A 224 -7.50 -11.37 -21.55
CA ALA A 224 -6.23 -10.77 -21.16
C ALA A 224 -6.50 -9.60 -20.22
N PHE A 225 -5.65 -9.44 -19.22
CA PHE A 225 -5.84 -8.38 -18.23
C PHE A 225 -4.50 -8.04 -17.59
N GLY A 226 -4.49 -6.90 -16.89
CA GLY A 226 -3.34 -6.47 -16.10
C GLY A 226 -3.68 -6.32 -14.63
N HIS A 227 -3.43 -5.12 -14.06
CA HIS A 227 -3.88 -4.73 -12.72
C HIS A 227 -3.22 -5.52 -11.60
N TRP A 228 -3.30 -6.87 -11.64
CA TRP A 228 -2.93 -7.74 -10.52
C TRP A 228 -1.44 -8.10 -10.58
N ALA A 229 -0.59 -7.24 -10.00
CA ALA A 229 0.85 -7.45 -10.04
C ALA A 229 1.35 -8.51 -9.06
N SER A 230 0.71 -8.67 -7.90
CA SER A 230 1.17 -9.72 -6.98
C SER A 230 0.98 -11.11 -7.58
N LEU A 231 0.17 -11.20 -8.64
CA LEU A 231 0.04 -12.42 -9.41
C LEU A 231 1.32 -12.74 -10.18
N GLU A 232 2.05 -11.70 -10.61
CA GLU A 232 3.31 -11.84 -11.33
C GLU A 232 3.15 -12.65 -12.61
N GLY A 233 1.98 -12.54 -13.25
CA GLY A 233 1.68 -13.20 -14.50
C GLY A 233 1.57 -14.70 -14.46
N LYS A 234 1.54 -15.31 -13.27
CA LYS A 234 1.57 -16.76 -13.12
C LYS A 234 0.26 -17.27 -12.54
N GLY A 235 0.02 -18.57 -12.75
CA GLY A 235 -1.05 -19.25 -12.05
C GLY A 235 -2.44 -19.08 -12.65
N THR A 236 -2.52 -18.79 -13.93
CA THR A 236 -3.86 -18.65 -14.50
C THR A 236 -4.25 -19.91 -15.25
N PRO A 237 -5.54 -20.19 -15.40
CA PRO A 237 -5.96 -21.34 -16.21
C PRO A 237 -5.80 -21.03 -17.70
N GLU A 238 -5.94 -22.07 -18.51
CA GLU A 238 -5.85 -21.90 -19.95
C GLU A 238 -6.87 -20.86 -20.39
N GLY A 239 -6.47 -20.03 -21.35
CA GLY A 239 -7.34 -18.98 -21.85
C GLY A 239 -7.39 -17.72 -21.01
N ILE A 240 -6.66 -17.67 -19.90
CA ILE A 240 -6.60 -16.48 -19.04
C ILE A 240 -5.15 -16.00 -19.02
N TYR A 241 -4.92 -14.74 -19.43
CA TYR A 241 -3.59 -14.19 -19.54
C TYR A 241 -3.43 -12.97 -18.63
N ALA A 242 -2.67 -13.14 -17.55
CA ALA A 242 -2.33 -12.06 -16.65
C ALA A 242 -1.01 -11.45 -17.12
N LEU A 243 -1.08 -10.24 -17.68
CA LEU A 243 0.06 -9.61 -18.33
C LEU A 243 0.81 -8.62 -17.45
N ASP A 244 0.34 -8.38 -16.22
CA ASP A 244 1.00 -7.39 -15.35
C ASP A 244 2.09 -8.08 -14.56
N THR A 245 3.35 -7.81 -14.92
CA THR A 245 4.50 -8.38 -14.23
C THR A 245 5.33 -7.30 -13.55
N GLY A 246 4.71 -6.16 -13.23
CA GLY A 246 5.25 -5.22 -12.26
C GLY A 246 6.45 -4.40 -12.69
N CYS A 247 6.45 -3.89 -13.92
CA CYS A 247 7.60 -3.12 -14.40
C CYS A 247 7.93 -1.97 -13.46
N CYS A 248 6.94 -1.13 -13.14
CA CYS A 248 7.21 0.02 -12.28
C CYS A 248 7.77 -0.39 -10.92
N TRP A 249 7.51 -1.63 -10.49
CA TRP A 249 7.98 -2.15 -9.21
C TRP A 249 9.34 -2.84 -9.30
N GLY A 250 10.12 -2.58 -10.35
CA GLY A 250 11.35 -3.32 -10.53
C GLY A 250 11.19 -4.73 -11.04
N GLY A 251 10.00 -5.10 -11.51
CA GLY A 251 9.81 -6.39 -12.15
C GLY A 251 10.13 -6.32 -13.63
N THR A 252 9.19 -6.73 -14.49
CA THR A 252 9.41 -6.71 -15.93
C THR A 252 8.15 -6.25 -16.65
N LEU A 253 8.34 -5.75 -17.86
CA LEU A 253 7.27 -5.48 -18.79
C LEU A 253 7.11 -6.69 -19.71
N THR A 254 5.90 -7.22 -19.80
CA THR A 254 5.64 -8.44 -20.56
C THR A 254 4.81 -8.12 -21.80
N CYS A 255 5.22 -8.70 -22.91
CA CYS A 255 4.53 -8.63 -24.20
C CYS A 255 4.20 -10.05 -24.63
N LEU A 256 2.99 -10.22 -25.14
CA LEU A 256 2.53 -11.51 -25.65
C LEU A 256 2.11 -11.34 -27.09
N ARG A 257 2.74 -12.07 -28.00
CA ARG A 257 2.29 -12.10 -29.38
C ARG A 257 1.22 -13.15 -29.52
N TRP A 258 0.06 -12.73 -30.07
CA TRP A 258 -1.15 -13.53 -30.06
C TRP A 258 -1.11 -14.64 -31.10
N GLU A 259 -0.49 -14.41 -32.26
CA GLU A 259 -0.54 -15.40 -33.34
C GLU A 259 0.06 -16.72 -32.90
N ASP A 260 1.19 -16.68 -32.20
CA ASP A 260 1.87 -17.90 -31.74
C ASP A 260 1.94 -18.01 -30.23
N LYS A 261 1.30 -17.09 -29.50
CA LYS A 261 1.34 -17.05 -28.04
C LYS A 261 2.77 -17.04 -27.52
N GLN A 262 3.62 -16.24 -28.15
CA GLN A 262 5.03 -16.20 -27.72
C GLN A 262 5.24 -14.98 -26.83
N TYR A 263 5.99 -15.16 -25.74
CA TYR A 263 6.23 -14.07 -24.80
C TYR A 263 7.58 -13.41 -25.05
N PHE A 264 7.61 -12.10 -24.78
CA PHE A 264 8.84 -11.30 -24.79
C PHE A 264 8.82 -10.41 -23.56
N VAL A 265 9.97 -10.26 -22.91
CA VAL A 265 10.05 -9.55 -21.64
C VAL A 265 11.17 -8.52 -21.70
N GLN A 266 10.89 -7.32 -21.18
CA GLN A 266 11.88 -6.28 -20.96
C GLN A 266 12.10 -6.11 -19.47
N PRO A 267 13.33 -6.18 -18.98
CA PRO A 267 13.57 -5.95 -17.55
C PRO A 267 13.44 -4.48 -17.17
N SER A 268 12.93 -4.26 -15.97
CA SER A 268 12.82 -2.92 -15.42
C SER A 268 14.20 -2.28 -15.31
N ASN A 269 14.28 -0.97 -15.61
CA ASN A 269 15.53 -0.25 -15.40
C ASN A 269 15.76 0.12 -13.94
N ARG A 270 14.70 0.21 -13.14
CA ARG A 270 14.83 0.59 -11.73
C ARG A 270 15.60 -0.46 -10.95
N ALA B 2 21.19 0.27 33.76
CA ALA B 2 21.44 0.93 32.50
C ALA B 2 20.14 0.98 31.67
N THR B 3 20.12 1.84 30.65
CA THR B 3 18.98 2.01 29.76
C THR B 3 19.36 1.61 28.34
N TYR B 4 18.56 0.74 27.74
CA TYR B 4 18.79 0.26 26.39
C TYR B 4 17.57 0.55 25.52
N LEU B 5 17.81 1.00 24.29
CA LEU B 5 16.75 1.25 23.32
C LEU B 5 17.00 0.38 22.10
N ILE B 6 16.02 -0.42 21.71
CA ILE B 6 16.14 -1.28 20.54
C ILE B 6 14.99 -0.97 19.61
N GLY B 7 15.27 -1.01 18.31
CA GLY B 7 14.27 -0.73 17.29
C GLY B 7 13.41 -1.94 16.97
N ASP B 8 12.73 -1.87 15.83
CA ASP B 8 11.72 -2.85 15.48
C ASP B 8 12.28 -4.27 15.54
N VAL B 9 11.66 -5.11 16.36
CA VAL B 9 12.12 -6.49 16.50
C VAL B 9 11.54 -7.39 15.41
N HIS B 10 10.29 -7.16 15.03
CA HIS B 10 9.63 -7.89 13.94
C HIS B 10 9.81 -9.40 14.05
N GLY B 11 9.47 -9.94 15.22
CA GLY B 11 9.49 -11.38 15.41
C GLY B 11 10.86 -12.01 15.46
N CYS B 12 11.94 -11.23 15.37
CA CYS B 12 13.30 -11.75 15.34
C CYS B 12 13.74 -12.04 16.77
N TYR B 13 13.16 -13.09 17.34
CA TYR B 13 13.42 -13.41 18.75
C TYR B 13 14.89 -13.73 18.99
N ASP B 14 15.47 -14.59 18.16
CA ASP B 14 16.86 -15.02 18.38
C ASP B 14 17.80 -13.83 18.39
N GLU B 15 17.64 -12.90 17.44
CA GLU B 15 18.50 -11.73 17.40
C GLU B 15 18.30 -10.83 18.61
N LEU B 16 17.04 -10.65 19.04
CA LEU B 16 16.78 -9.86 20.23
C LEU B 16 17.51 -10.45 21.44
N ILE B 17 17.37 -11.76 21.65
CA ILE B 17 17.99 -12.36 22.82
C ILE B 17 19.51 -12.28 22.72
N ALA B 18 20.07 -12.51 21.52
CA ALA B 18 21.52 -12.41 21.36
C ALA B 18 22.01 -11.02 21.69
N LEU B 19 21.32 -10.00 21.19
CA LEU B 19 21.70 -8.62 21.46
C LEU B 19 21.63 -8.31 22.96
N LEU B 20 20.57 -8.77 23.62
CA LEU B 20 20.43 -8.51 25.06
C LEU B 20 21.51 -9.24 25.86
N HIS B 21 21.85 -10.48 25.46
CA HIS B 21 22.92 -11.20 26.15
C HIS B 21 24.26 -10.52 25.92
N LYS B 22 24.45 -9.94 24.73
CA LYS B 22 25.67 -9.20 24.44
C LYS B 22 25.87 -8.02 25.40
N VAL B 23 24.79 -7.29 25.71
CA VAL B 23 24.89 -6.16 26.64
C VAL B 23 24.64 -6.58 28.08
N GLU B 24 24.46 -7.87 28.33
CA GLU B 24 24.14 -8.40 29.66
C GLU B 24 23.00 -7.64 30.30
N PHE B 25 21.91 -7.50 29.54
CA PHE B 25 20.68 -6.91 30.04
C PHE B 25 20.22 -7.68 31.28
N THR B 26 20.00 -6.96 32.39
CA THR B 26 19.64 -7.52 33.68
C THR B 26 18.34 -6.88 34.18
N PRO B 27 17.22 -7.57 34.04
CA PRO B 27 15.97 -7.04 34.59
C PRO B 27 16.09 -6.74 36.07
N GLY B 28 15.48 -5.63 36.49
CA GLY B 28 15.60 -5.15 37.85
C GLY B 28 16.73 -4.16 38.10
N LYS B 29 17.77 -4.22 37.29
CA LYS B 29 18.81 -3.23 37.24
C LYS B 29 18.82 -2.40 35.96
N ASP B 30 18.31 -2.94 34.84
CA ASP B 30 18.27 -2.28 33.56
C ASP B 30 16.83 -2.12 33.08
N THR B 31 16.64 -1.19 32.16
CA THR B 31 15.37 -0.96 31.49
C THR B 31 15.56 -1.00 29.97
N LEU B 32 14.65 -1.71 29.30
CA LEU B 32 14.65 -1.87 27.86
C LEU B 32 13.56 -1.00 27.26
N TRP B 33 13.94 -0.11 26.34
CA TRP B 33 12.97 0.63 25.53
C TRP B 33 12.84 -0.05 24.17
N LEU B 34 11.60 -0.25 23.72
CA LEU B 34 11.35 -0.87 22.42
C LEU B 34 10.45 0.03 21.59
N THR B 35 10.83 0.27 20.34
CA THR B 35 10.13 1.21 19.46
C THR B 35 8.88 0.62 18.81
N GLY B 36 8.44 -0.57 19.20
CA GLY B 36 7.26 -1.14 18.59
C GLY B 36 7.57 -1.94 17.34
N ASP B 37 6.51 -2.46 16.72
CA ASP B 37 6.65 -3.46 15.68
C ASP B 37 7.41 -4.66 16.23
N LEU B 38 6.89 -5.20 17.34
CA LEU B 38 7.44 -6.40 17.95
C LEU B 38 7.19 -7.64 17.10
N VAL B 39 6.15 -7.62 16.26
CA VAL B 39 5.63 -8.82 15.63
C VAL B 39 5.70 -8.70 14.09
N ALA B 40 5.41 -9.82 13.43
CA ALA B 40 5.25 -9.94 11.98
C ALA B 40 6.56 -10.07 11.18
N ARG B 41 6.48 -10.80 10.06
CA ARG B 41 7.60 -11.05 9.15
C ARG B 41 8.59 -12.06 9.72
N GLY B 42 9.15 -11.76 10.90
CA GLY B 42 10.03 -12.69 11.56
C GLY B 42 9.27 -13.90 12.06
N PRO B 43 9.99 -14.98 12.36
CA PRO B 43 9.31 -16.24 12.71
C PRO B 43 8.76 -16.31 14.12
N GLY B 44 9.25 -15.49 15.06
CA GLY B 44 8.95 -15.74 16.46
C GLY B 44 8.19 -14.67 17.23
N SER B 45 7.19 -14.06 16.60
CA SER B 45 6.38 -13.04 17.27
C SER B 45 5.82 -13.56 18.60
N LEU B 46 5.40 -14.83 18.63
CA LEU B 46 4.86 -15.39 19.87
C LEU B 46 5.88 -15.32 20.99
N ASP B 47 7.12 -15.72 20.71
CA ASP B 47 8.16 -15.72 21.73
C ASP B 47 8.50 -14.29 22.16
N VAL B 48 8.56 -13.36 21.21
CA VAL B 48 8.85 -11.97 21.54
C VAL B 48 7.79 -11.43 22.49
N LEU B 49 6.51 -11.66 22.20
CA LEU B 49 5.47 -11.14 23.09
C LEU B 49 5.53 -11.80 24.46
N ARG B 50 5.67 -13.12 24.51
CA ARG B 50 5.74 -13.80 25.80
C ARG B 50 6.86 -13.19 26.65
N TYR B 51 8.03 -13.01 26.05
CA TYR B 51 9.19 -12.53 26.78
C TYR B 51 9.03 -11.07 27.23
N VAL B 52 8.59 -10.20 26.30
CA VAL B 52 8.46 -8.79 26.63
C VAL B 52 7.42 -8.58 27.72
N LYS B 53 6.26 -9.24 27.60
CA LYS B 53 5.29 -9.17 28.69
C LYS B 53 5.91 -9.61 30.01
N SER B 54 6.69 -10.70 29.98
CA SER B 54 7.29 -11.20 31.21
C SER B 54 8.24 -10.19 31.84
N LEU B 55 8.82 -9.28 31.06
CA LEU B 55 9.74 -8.31 31.65
C LEU B 55 9.05 -7.32 32.59
N GLY B 56 7.73 -7.17 32.51
CA GLY B 56 7.05 -6.28 33.44
C GLY B 56 7.60 -4.85 33.40
N ASP B 57 7.95 -4.32 34.57
CA ASP B 57 8.39 -2.94 34.69
C ASP B 57 9.76 -2.67 34.07
N SER B 58 10.50 -3.70 33.68
CA SER B 58 11.81 -3.45 33.09
C SER B 58 11.74 -3.12 31.61
N VAL B 59 10.55 -3.02 31.03
CA VAL B 59 10.42 -2.69 29.61
C VAL B 59 9.45 -1.53 29.45
N ARG B 60 9.77 -0.65 28.51
CA ARG B 60 8.91 0.44 28.09
C ARG B 60 8.72 0.34 26.58
N LEU B 61 7.50 -0.02 26.19
CA LEU B 61 7.12 -0.26 24.81
C LEU B 61 6.23 0.87 24.31
N VAL B 62 6.26 1.09 23.00
CA VAL B 62 5.22 1.82 22.30
C VAL B 62 4.75 0.94 21.15
N LEU B 63 3.47 1.05 20.83
CA LEU B 63 2.91 0.23 19.77
C LEU B 63 3.24 0.81 18.40
N GLY B 64 3.45 -0.07 17.43
CA GLY B 64 3.67 0.30 16.05
C GLY B 64 2.51 -0.13 15.17
N ASN B 65 2.68 0.13 13.87
CA ASN B 65 1.59 -0.17 12.94
C ASN B 65 1.33 -1.66 12.79
N HIS B 66 2.38 -2.49 12.91
CA HIS B 66 2.18 -3.93 12.80
C HIS B 66 1.60 -4.53 14.08
N ASP B 67 1.94 -3.98 15.25
CA ASP B 67 1.25 -4.40 16.47
C ASP B 67 -0.25 -4.13 16.38
N LEU B 68 -0.61 -2.95 15.86
CA LEU B 68 -2.03 -2.61 15.72
C LEU B 68 -2.71 -3.48 14.68
N HIS B 69 -2.01 -3.80 13.59
CA HIS B 69 -2.56 -4.74 12.62
C HIS B 69 -2.81 -6.11 13.25
N LEU B 70 -1.86 -6.61 14.05
CA LEU B 70 -2.07 -7.87 14.74
C LEU B 70 -3.33 -7.81 15.61
N LEU B 71 -3.50 -6.71 16.34
CA LEU B 71 -4.69 -6.56 17.16
C LEU B 71 -5.95 -6.55 16.31
N ALA B 72 -5.90 -5.98 15.11
CA ALA B 72 -7.07 -5.96 14.24
C ALA B 72 -7.40 -7.35 13.71
N VAL B 73 -6.38 -8.15 13.39
CA VAL B 73 -6.61 -9.53 12.98
C VAL B 73 -7.23 -10.31 14.13
N PHE B 74 -6.67 -10.14 15.33
CA PHE B 74 -7.17 -10.84 16.51
C PHE B 74 -8.64 -10.53 16.77
N ALA B 75 -9.07 -9.28 16.54
CA ALA B 75 -10.44 -8.87 16.78
C ALA B 75 -11.40 -9.20 15.64
N GLY B 76 -10.94 -9.88 14.59
CA GLY B 76 -11.82 -10.11 13.46
C GLY B 76 -12.09 -8.90 12.61
N ILE B 77 -11.30 -7.84 12.77
CA ILE B 77 -11.46 -6.63 11.98
C ILE B 77 -10.73 -6.78 10.65
N SER B 78 -9.59 -7.46 10.65
CA SER B 78 -8.79 -7.64 9.45
C SER B 78 -8.47 -9.13 9.28
N ARG B 79 -8.19 -9.51 8.04
CA ARG B 79 -7.95 -10.91 7.72
C ARG B 79 -6.47 -11.24 7.85
N ASN B 80 -6.19 -12.43 8.38
CA ASN B 80 -4.82 -12.86 8.64
C ASN B 80 -4.09 -13.17 7.34
N LYS B 81 -2.93 -12.53 7.14
CA LYS B 81 -2.07 -12.81 5.99
C LYS B 81 -1.00 -13.82 6.37
N PRO B 82 -0.98 -15.01 5.76
CA PRO B 82 -0.02 -16.06 6.15
C PRO B 82 1.46 -15.66 6.19
N LYS B 83 1.90 -14.79 5.27
CA LYS B 83 3.30 -14.36 5.20
C LYS B 83 3.73 -13.51 6.39
N ASP B 84 2.76 -12.94 7.14
CA ASP B 84 3.10 -12.16 8.33
C ASP B 84 3.58 -13.06 9.46
N ARG B 85 3.36 -14.37 9.32
CA ARG B 85 3.78 -15.37 10.30
C ARG B 85 3.24 -15.07 11.68
N LEU B 86 1.97 -14.66 11.72
CA LEU B 86 1.27 -14.41 12.97
C LEU B 86 0.39 -15.59 13.39
N THR B 87 0.26 -16.62 12.56
CA THR B 87 -0.68 -17.68 12.91
C THR B 87 -0.30 -18.38 14.21
N PRO B 88 0.96 -18.73 14.46
CA PRO B 88 1.27 -19.39 15.75
C PRO B 88 0.84 -18.55 16.94
N LEU B 89 1.06 -17.24 16.89
CA LEU B 89 0.64 -16.38 17.99
C LEU B 89 -0.88 -16.32 18.10
N LEU B 90 -1.58 -16.13 16.98
CA LEU B 90 -3.03 -16.04 17.02
C LEU B 90 -3.65 -17.32 17.58
N GLU B 91 -3.08 -18.48 17.24
CA GLU B 91 -3.64 -19.76 17.66
C GLU B 91 -3.10 -20.25 19.00
N ALA B 92 -2.26 -19.46 19.67
CA ALA B 92 -1.64 -19.91 20.91
C ALA B 92 -2.67 -19.94 22.06
N PRO B 93 -2.50 -20.86 23.00
CA PRO B 93 -3.44 -20.92 24.13
C PRO B 93 -3.45 -19.64 24.96
N ASP B 94 -2.36 -18.88 25.00
CA ASP B 94 -2.30 -17.65 25.76
C ASP B 94 -2.49 -16.41 24.90
N ALA B 95 -3.10 -16.56 23.72
CA ALA B 95 -3.27 -15.42 22.81
C ALA B 95 -4.11 -14.31 23.44
N ASP B 96 -5.22 -14.69 24.10
CA ASP B 96 -6.05 -13.68 24.76
C ASP B 96 -5.24 -12.87 25.74
N GLU B 97 -4.45 -13.54 26.59
CA GLU B 97 -3.67 -12.84 27.60
C GLU B 97 -2.61 -11.94 26.96
N LEU B 98 -1.87 -12.47 25.99
CA LEU B 98 -0.81 -11.68 25.34
C LEU B 98 -1.39 -10.46 24.65
N LEU B 99 -2.48 -10.62 23.89
CA LEU B 99 -2.98 -9.50 23.10
C LEU B 99 -3.79 -8.51 23.94
N ASN B 100 -4.52 -8.99 24.96
CA ASN B 100 -5.15 -8.07 25.91
C ASN B 100 -4.11 -7.27 26.68
N TRP B 101 -2.92 -7.84 26.88
CA TRP B 101 -1.83 -7.05 27.45
C TRP B 101 -1.28 -6.07 26.41
N LEU B 102 -1.07 -6.53 25.17
CA LEU B 102 -0.50 -5.68 24.13
C LEU B 102 -1.32 -4.42 23.93
N ARG B 103 -2.65 -4.58 23.82
CA ARG B 103 -3.50 -3.44 23.52
C ARG B 103 -3.57 -2.42 24.66
N ARG B 104 -3.09 -2.76 25.86
CA ARG B 104 -3.01 -1.80 26.95
C ARG B 104 -1.69 -1.03 26.97
N GLN B 105 -0.81 -1.21 25.97
CA GLN B 105 0.49 -0.57 26.04
C GLN B 105 0.44 0.82 25.38
N PRO B 106 1.35 1.71 25.75
CA PRO B 106 1.24 3.11 25.32
C PRO B 106 1.59 3.30 23.85
N LEU B 107 1.18 4.47 23.33
CA LEU B 107 1.66 4.95 22.04
C LEU B 107 2.87 5.86 22.18
N LEU B 108 3.18 6.32 23.39
CA LEU B 108 4.19 7.34 23.61
C LEU B 108 4.82 7.11 24.97
N GLN B 109 6.15 7.18 25.04
CA GLN B 109 6.87 7.11 26.30
C GLN B 109 7.64 8.40 26.50
N ILE B 110 7.55 8.96 27.71
CA ILE B 110 8.25 10.19 28.06
C ILE B 110 9.04 9.94 29.34
N ASP B 111 10.33 10.31 29.33
CA ASP B 111 11.17 10.25 30.51
C ASP B 111 11.74 11.65 30.74
N GLU B 112 11.25 12.31 31.79
CA GLU B 112 11.67 13.69 32.06
C GLU B 112 13.11 13.76 32.52
N GLU B 113 13.52 12.82 33.39
CA GLU B 113 14.89 12.85 33.91
C GLU B 113 15.91 12.64 32.80
N LYS B 114 15.61 11.79 31.81
CA LYS B 114 16.48 11.60 30.65
C LYS B 114 16.21 12.61 29.54
N LYS B 115 15.14 13.40 29.64
CA LYS B 115 14.71 14.32 28.57
C LYS B 115 14.51 13.57 27.25
N LEU B 116 13.85 12.41 27.33
CA LEU B 116 13.77 11.48 26.23
C LEU B 116 12.31 11.19 25.91
N VAL B 117 12.00 11.16 24.62
CA VAL B 117 10.66 10.84 24.13
C VAL B 117 10.78 9.72 23.10
N MET B 118 9.87 8.76 23.16
CA MET B 118 9.85 7.67 22.19
C MET B 118 8.44 7.46 21.65
N ALA B 119 8.33 7.31 20.33
CA ALA B 119 7.14 6.80 19.67
C ALA B 119 7.59 6.03 18.42
N HIS B 120 6.68 5.24 17.86
CA HIS B 120 7.08 4.32 16.80
C HIS B 120 7.60 5.05 15.57
N ALA B 121 6.83 6.01 15.05
CA ALA B 121 7.23 6.74 13.86
C ALA B 121 7.88 8.07 14.17
N GLY B 122 7.73 8.58 15.38
CA GLY B 122 8.29 9.87 15.75
C GLY B 122 7.24 10.83 16.25
N ILE B 123 7.59 12.12 16.32
CA ILE B 123 6.67 13.17 16.73
C ILE B 123 6.47 14.12 15.55
N THR B 124 5.23 14.25 15.08
CA THR B 124 4.99 15.16 13.97
C THR B 124 5.35 16.57 14.37
N PRO B 125 5.93 17.37 13.45
CA PRO B 125 6.29 18.75 13.78
C PRO B 125 5.11 19.64 14.11
N GLN B 126 3.89 19.25 13.77
CA GLN B 126 2.71 20.06 14.10
C GLN B 126 2.26 19.90 15.55
N TRP B 127 2.94 19.06 16.33
CA TRP B 127 2.57 18.79 17.72
C TRP B 127 3.62 19.31 18.68
N ASP B 128 3.16 19.88 19.79
CA ASP B 128 3.98 20.09 20.97
C ASP B 128 3.74 18.93 21.95
N LEU B 129 4.50 18.91 23.04
CA LEU B 129 4.49 17.74 23.90
C LEU B 129 3.13 17.53 24.58
N GLN B 130 2.47 18.61 25.02
CA GLN B 130 1.19 18.44 25.68
C GLN B 130 0.15 17.85 24.72
N THR B 131 0.18 18.28 23.46
CA THR B 131 -0.76 17.74 22.48
C THR B 131 -0.43 16.29 22.16
N ALA B 132 0.86 15.95 22.00
CA ALA B 132 1.25 14.56 21.80
C ALA B 132 0.76 13.69 22.95
N LYS B 133 0.95 14.16 24.19
CA LYS B 133 0.50 13.39 25.35
C LYS B 133 -1.00 13.16 25.31
N GLU B 134 -1.77 14.21 25.06
CA GLU B 134 -3.23 14.08 25.09
C GLU B 134 -3.72 13.16 23.99
N CYS B 135 -3.13 13.26 22.80
CA CYS B 135 -3.53 12.38 21.71
C CYS B 135 -3.18 10.92 22.01
N ALA B 136 -1.99 10.70 22.59
CA ALA B 136 -1.62 9.34 23.01
C ALA B 136 -2.66 8.76 23.94
N ARG B 137 -3.08 9.55 24.94
CA ARG B 137 -4.08 9.08 25.91
C ARG B 137 -5.41 8.80 25.23
N ASP B 138 -5.82 9.66 24.29
CA ASP B 138 -7.10 9.46 23.60
C ASP B 138 -7.14 8.10 22.91
N VAL B 139 -6.08 7.78 22.16
CA VAL B 139 -6.07 6.51 21.45
C VAL B 139 -5.88 5.36 22.42
N GLU B 140 -4.98 5.50 23.40
CA GLU B 140 -4.78 4.46 24.38
C GLU B 140 -6.09 4.14 25.11
N ALA B 141 -6.93 5.15 25.31
CA ALA B 141 -8.22 4.93 25.96
C ALA B 141 -9.12 4.06 25.10
N VAL B 142 -9.15 4.27 23.78
CA VAL B 142 -9.99 3.35 23.01
C VAL B 142 -9.36 1.96 22.93
N LEU B 143 -8.05 1.88 22.76
CA LEU B 143 -7.40 0.57 22.62
C LEU B 143 -7.59 -0.31 23.84
N SER B 144 -7.65 0.27 25.03
CA SER B 144 -7.79 -0.52 26.24
C SER B 144 -9.25 -0.71 26.64
N SER B 145 -10.18 -0.19 25.85
CA SER B 145 -11.60 -0.32 26.16
C SER B 145 -12.16 -1.64 25.64
N ASP B 146 -13.29 -2.06 26.22
CA ASP B 146 -13.99 -3.24 25.74
C ASP B 146 -14.39 -3.12 24.29
N SER B 147 -14.50 -1.90 23.77
CA SER B 147 -14.99 -1.65 22.43
C SER B 147 -13.85 -1.46 21.43
N TYR B 148 -12.68 -1.98 21.73
CA TYR B 148 -11.51 -1.72 20.89
C TYR B 148 -11.65 -2.25 19.46
N PRO B 149 -12.39 -3.32 19.17
CA PRO B 149 -12.49 -3.75 17.76
C PRO B 149 -13.15 -2.70 16.89
N PHE B 150 -14.15 -2.02 17.44
CA PHE B 150 -14.81 -0.95 16.71
C PHE B 150 -13.83 0.19 16.40
N PHE B 151 -12.98 0.58 17.37
N PHE B 151 -12.96 0.50 17.34
CA PHE B 151 -11.95 1.58 17.07
CA PHE B 151 -12.01 1.59 17.13
C PHE B 151 -11.01 1.08 16.01
C PHE B 151 -10.85 1.17 16.23
N LEU B 152 -10.47 -0.12 16.22
CA LEU B 152 -9.47 -0.63 15.29
C LEU B 152 -9.99 -0.59 13.87
N ASP B 153 -11.27 -0.96 13.69
CA ASP B 153 -11.88 -0.83 12.38
C ASP B 153 -11.94 0.64 11.96
N ALA B 154 -12.23 1.54 12.91
CA ALA B 154 -12.32 2.95 12.58
C ALA B 154 -10.95 3.59 12.32
N MET B 155 -9.86 2.94 12.74
N MET B 155 -9.86 2.96 12.75
CA MET B 155 -8.51 3.51 12.65
CA MET B 155 -8.54 3.58 12.63
C MET B 155 -7.97 3.52 11.23
C MET B 155 -7.98 3.54 11.22
N TYR B 156 -8.53 2.74 10.33
CA TYR B 156 -8.02 2.65 8.97
C TYR B 156 -8.39 3.92 8.20
N GLY B 157 -7.47 4.37 7.33
CA GLY B 157 -7.67 5.58 6.56
C GLY B 157 -6.44 6.48 6.47
N ASP B 158 -6.37 7.27 5.40
CA ASP B 158 -5.22 8.13 5.14
C ASP B 158 -5.51 9.62 5.32
N MET B 159 -6.74 10.02 5.60
CA MET B 159 -7.11 11.40 5.84
C MET B 159 -7.83 11.51 7.17
N PRO B 160 -7.81 12.71 7.80
CA PRO B 160 -7.09 13.93 7.43
C PRO B 160 -5.61 13.76 7.65
N ASN B 161 -4.76 14.53 6.96
CA ASN B 161 -3.32 14.42 7.15
C ASN B 161 -2.74 15.71 7.70
N ASN B 162 -3.58 16.56 8.27
CA ASN B 162 -3.18 17.85 8.80
C ASN B 162 -3.77 18.02 10.20
N TRP B 163 -2.93 18.35 11.18
CA TRP B 163 -3.43 18.46 12.54
C TRP B 163 -4.19 19.75 12.72
N SER B 164 -5.25 19.70 13.53
CA SER B 164 -5.91 20.86 14.05
C SER B 164 -6.52 20.49 15.39
N PRO B 165 -6.42 21.35 16.39
CA PRO B 165 -7.15 21.09 17.64
C PRO B 165 -8.65 20.96 17.42
N GLU B 166 -9.17 21.43 16.27
CA GLU B 166 -10.59 21.30 15.97
C GLU B 166 -10.98 19.95 15.41
N LEU B 167 -10.04 19.06 15.13
CA LEU B 167 -10.43 17.73 14.65
C LEU B 167 -11.26 17.02 15.71
N ARG B 168 -12.28 16.31 15.26
CA ARG B 168 -13.19 15.58 16.13
C ARG B 168 -13.35 14.17 15.56
N GLY B 169 -13.84 13.27 16.41
CA GLY B 169 -14.29 11.97 15.96
C GLY B 169 -13.28 11.17 15.15
N LEU B 170 -13.79 10.52 14.10
CA LEU B 170 -13.00 9.55 13.35
C LEU B 170 -11.77 10.18 12.74
N GLY B 171 -11.90 11.39 12.19
CA GLY B 171 -10.76 12.04 11.57
C GLY B 171 -9.65 12.32 12.58
N ARG B 172 -10.03 12.75 13.79
CA ARG B 172 -9.04 12.96 14.85
C ARG B 172 -8.33 11.65 15.18
N LEU B 173 -9.11 10.57 15.35
CA LEU B 173 -8.52 9.28 15.67
C LEU B 173 -7.55 8.83 14.58
N ARG B 174 -7.95 8.97 13.32
CA ARG B 174 -7.12 8.52 12.20
C ARG B 174 -5.82 9.32 12.11
N PHE B 175 -5.91 10.64 12.25
CA PHE B 175 -4.67 11.42 12.20
C PHE B 175 -3.74 11.03 13.35
N ILE B 176 -4.28 10.88 14.56
CA ILE B 176 -3.43 10.50 15.68
C ILE B 176 -2.72 9.17 15.40
N THR B 177 -3.48 8.17 14.97
CA THR B 177 -2.90 6.86 14.70
C THR B 177 -1.82 6.93 13.63
N ASN B 178 -2.11 7.65 12.54
CA ASN B 178 -1.17 7.76 11.44
C ASN B 178 0.10 8.50 11.86
N ALA B 179 -0.06 9.58 12.64
CA ALA B 179 1.09 10.36 13.08
C ALA B 179 2.00 9.53 13.96
N PHE B 180 1.43 8.78 14.91
CA PHE B 180 2.26 8.02 15.83
C PHE B 180 2.90 6.79 15.19
N THR B 181 2.17 6.09 14.31
CA THR B 181 2.62 4.78 13.89
C THR B 181 2.91 4.61 12.40
N ARG B 182 2.59 5.59 11.55
CA ARG B 182 2.81 5.40 10.13
C ARG B 182 3.63 6.51 9.48
N MET B 183 3.89 7.60 10.18
CA MET B 183 4.51 8.78 9.60
C MET B 183 5.95 8.53 9.13
N ARG B 184 6.26 9.01 7.92
CA ARG B 184 7.62 9.12 7.43
C ARG B 184 7.85 10.53 6.89
N PHE B 185 7.30 10.82 5.71
CA PHE B 185 7.51 12.08 5.02
C PHE B 185 6.42 13.09 5.32
N CYS B 186 6.78 14.36 5.22
CA CYS B 186 5.87 15.47 5.41
C CYS B 186 5.97 16.43 4.23
N PHE B 187 4.91 17.19 4.03
CA PHE B 187 5.01 18.33 3.13
C PHE B 187 5.66 19.47 3.90
N PRO B 188 6.16 20.48 3.20
CA PRO B 188 6.86 21.59 3.90
C PRO B 188 6.10 22.18 5.06
N ASN B 189 4.77 22.23 4.99
CA ASN B 189 3.95 22.76 6.07
C ASN B 189 3.68 21.75 7.19
N GLY B 190 4.17 20.52 7.05
CA GLY B 190 4.04 19.53 8.09
C GLY B 190 2.97 18.50 7.85
N GLN B 191 2.19 18.62 6.77
CA GLN B 191 1.16 17.64 6.50
C GLN B 191 1.76 16.27 6.22
N LEU B 192 1.06 15.23 6.66
CA LEU B 192 1.52 13.86 6.48
C LEU B 192 1.30 13.41 5.04
N ASP B 193 2.32 12.79 4.48
CA ASP B 193 2.19 11.98 3.27
C ASP B 193 2.12 10.52 3.70
N MET B 194 1.11 9.80 3.21
CA MET B 194 0.88 8.44 3.68
C MET B 194 1.23 7.38 2.63
N TYR B 195 2.06 7.72 1.63
CA TYR B 195 2.33 6.77 0.55
C TYR B 195 3.81 6.46 0.31
N SER B 196 4.71 7.44 0.42
CA SER B 196 6.12 7.20 0.09
C SER B 196 6.86 6.57 1.27
N LYS B 197 7.59 5.47 1.00
CA LYS B 197 8.29 4.73 2.04
C LYS B 197 9.79 4.59 1.81
N GLU B 198 10.34 5.24 0.80
CA GLU B 198 11.74 5.06 0.46
C GLU B 198 12.62 6.03 1.25
N SER B 199 13.93 5.97 0.99
CA SER B 199 14.85 6.82 1.72
C SER B 199 14.66 8.27 1.35
N PRO B 200 15.06 9.19 2.23
CA PRO B 200 14.87 10.63 1.93
C PRO B 200 15.50 11.07 0.62
N GLU B 201 16.68 10.55 0.28
CA GLU B 201 17.33 10.95 -0.96
C GLU B 201 16.43 10.67 -2.17
N GLU B 202 15.77 9.51 -2.18
CA GLU B 202 15.00 9.07 -3.34
C GLU B 202 13.56 9.57 -3.37
N ALA B 203 13.10 10.34 -2.39
CA ALA B 203 11.68 10.67 -2.34
C ALA B 203 11.34 11.74 -3.37
N PRO B 204 10.09 11.78 -3.83
CA PRO B 204 9.68 12.86 -4.73
C PRO B 204 9.50 14.17 -3.97
N ALA B 205 9.77 15.27 -4.67
CA ALA B 205 9.55 16.58 -4.08
C ALA B 205 8.04 16.83 -3.99
N PRO B 206 7.61 17.70 -3.07
CA PRO B 206 8.37 18.41 -2.04
C PRO B 206 8.48 17.67 -0.70
N LEU B 207 8.49 16.34 -0.70
CA LEU B 207 8.51 15.61 0.56
C LEU B 207 9.89 15.67 1.22
N LYS B 208 9.88 15.87 2.54
CA LYS B 208 11.08 15.83 3.36
C LYS B 208 10.75 15.07 4.66
N PRO B 209 11.76 14.44 5.27
CA PRO B 209 11.50 13.70 6.52
C PRO B 209 10.82 14.58 7.57
N TRP B 210 9.94 13.95 8.36
CA TRP B 210 9.28 14.67 9.45
C TRP B 210 10.31 15.34 10.35
N PHE B 211 11.44 14.67 10.59
CA PHE B 211 12.41 15.21 11.53
C PHE B 211 13.26 16.32 10.92
N ALA B 212 13.16 16.53 9.60
CA ALA B 212 13.85 17.63 8.94
C ALA B 212 13.07 18.93 9.02
N ILE B 213 11.92 18.93 9.68
CA ILE B 213 11.10 20.11 9.91
C ILE B 213 11.14 20.43 11.39
N PRO B 214 11.63 21.60 11.80
CA PRO B 214 11.75 21.89 13.23
C PRO B 214 10.39 21.88 13.92
N GLY B 215 10.38 21.31 15.12
CA GLY B 215 9.18 21.23 15.93
C GLY B 215 9.49 21.42 17.39
N PRO B 216 8.50 21.85 18.16
CA PRO B 216 8.76 22.16 19.58
C PRO B 216 9.30 21.00 20.39
N VAL B 217 8.79 19.77 20.20
CA VAL B 217 9.25 18.67 21.05
C VAL B 217 10.77 18.54 20.96
N ALA B 218 11.32 18.63 19.75
CA ALA B 218 12.76 18.44 19.56
C ALA B 218 13.58 19.56 20.19
N GLU B 219 12.98 20.70 20.54
CA GLU B 219 13.75 21.77 21.15
C GLU B 219 14.12 21.45 22.59
N GLU B 220 13.28 20.66 23.28
CA GLU B 220 13.59 20.28 24.65
C GLU B 220 13.97 18.82 24.83
N TYR B 221 13.62 17.93 23.89
CA TYR B 221 13.78 16.50 24.11
C TYR B 221 14.50 15.82 22.97
N SER B 222 15.23 14.75 23.31
CA SER B 222 15.64 13.78 22.31
C SER B 222 14.44 12.93 21.92
N ILE B 223 14.48 12.41 20.71
CA ILE B 223 13.40 11.56 20.21
C ILE B 223 13.99 10.29 19.62
N ALA B 224 13.58 9.14 20.13
CA ALA B 224 13.93 7.85 19.57
C ALA B 224 12.71 7.27 18.87
N PHE B 225 12.94 6.61 17.73
CA PHE B 225 11.84 6.04 16.97
C PHE B 225 12.36 4.90 16.11
N GLY B 226 11.42 4.09 15.61
CA GLY B 226 11.77 3.01 14.70
C GLY B 226 11.07 3.17 13.36
N HIS B 227 10.34 2.14 12.93
CA HIS B 227 9.43 2.24 11.80
C HIS B 227 10.08 2.37 10.42
N TRP B 228 10.94 3.37 10.26
CA TRP B 228 11.42 3.78 8.93
C TRP B 228 12.70 3.03 8.56
N ALA B 229 12.52 1.81 8.04
CA ALA B 229 13.69 0.96 7.79
C ALA B 229 14.54 1.45 6.63
N SER B 230 13.92 2.02 5.59
CA SER B 230 14.72 2.50 4.47
C SER B 230 15.60 3.68 4.84
N LEU B 231 15.36 4.29 6.01
CA LEU B 231 16.25 5.33 6.54
C LEU B 231 17.58 4.74 6.96
N GLU B 232 17.56 3.45 7.37
CA GLU B 232 18.72 2.68 7.81
C GLU B 232 19.37 3.31 9.04
N GLY B 233 18.56 3.94 9.89
CA GLY B 233 19.08 4.54 11.10
C GLY B 233 20.04 5.69 10.85
N LYS B 234 20.11 6.17 9.62
CA LYS B 234 21.09 7.16 9.22
C LYS B 234 20.42 8.48 8.86
N GLY B 235 21.22 9.54 8.94
CA GLY B 235 20.85 10.82 8.37
C GLY B 235 19.96 11.70 9.21
N THR B 236 19.95 11.53 10.53
CA THR B 236 19.09 12.33 11.38
C THR B 236 19.87 13.46 12.03
N PRO B 237 19.20 14.53 12.45
CA PRO B 237 19.88 15.60 13.17
C PRO B 237 20.24 15.16 14.58
N GLU B 238 21.04 16.00 15.24
CA GLU B 238 21.37 15.73 16.64
C GLU B 238 20.09 15.62 17.46
N GLY B 239 20.08 14.68 18.40
CA GLY B 239 18.92 14.49 19.24
C GLY B 239 17.81 13.63 18.63
N ILE B 240 17.96 13.17 17.40
CA ILE B 240 16.99 12.29 16.76
C ILE B 240 17.66 10.96 16.50
N TYR B 241 17.10 9.89 17.05
CA TYR B 241 17.68 8.55 16.96
C TYR B 241 16.70 7.65 16.21
N ALA B 242 17.08 7.29 14.99
CA ALA B 242 16.34 6.31 14.18
C ALA B 242 16.96 4.94 14.44
N LEU B 243 16.23 4.10 15.18
CA LEU B 243 16.76 2.83 15.65
C LEU B 243 16.38 1.63 14.78
N ASP B 244 15.58 1.84 13.73
CA ASP B 244 15.14 0.72 12.89
C ASP B 244 16.16 0.51 11.77
N THR B 245 16.94 -0.56 11.87
CA THR B 245 17.93 -0.91 10.87
C THR B 245 17.59 -2.23 10.17
N GLY B 246 16.31 -2.60 10.17
CA GLY B 246 15.78 -3.60 9.25
C GLY B 246 16.14 -5.05 9.50
N CYS B 247 16.13 -5.48 10.77
CA CYS B 247 16.51 -6.85 11.09
C CYS B 247 15.69 -7.87 10.30
N CYS B 248 14.36 -7.78 10.38
CA CYS B 248 13.53 -8.77 9.70
C CYS B 248 13.83 -8.83 8.21
N TRP B 249 14.34 -7.75 7.63
CA TRP B 249 14.64 -7.68 6.20
C TRP B 249 16.05 -8.15 5.88
N GLY B 250 16.69 -8.92 6.76
CA GLY B 250 18.07 -9.26 6.53
C GLY B 250 19.05 -8.16 6.82
N GLY B 251 18.63 -7.10 7.51
CA GLY B 251 19.53 -6.08 7.99
C GLY B 251 20.12 -6.41 9.35
N THR B 252 19.97 -5.49 10.31
CA THR B 252 20.50 -5.69 11.66
C THR B 252 19.51 -5.17 12.69
N LEU B 253 19.61 -5.72 13.91
CA LEU B 253 18.92 -5.20 15.08
C LEU B 253 19.89 -4.29 15.84
N THR B 254 19.46 -3.06 16.12
CA THR B 254 20.30 -2.05 16.75
C THR B 254 19.84 -1.77 18.17
N CYS B 255 20.81 -1.70 19.08
CA CYS B 255 20.60 -1.32 20.47
C CYS B 255 21.45 -0.10 20.79
N LEU B 256 20.86 0.87 21.47
CA LEU B 256 21.56 2.08 21.88
C LEU B 256 21.51 2.16 23.40
N ARG B 257 22.67 2.17 24.04
CA ARG B 257 22.76 2.37 25.48
C ARG B 257 22.79 3.87 25.76
N TRP B 258 21.86 4.31 26.60
CA TRP B 258 21.58 5.73 26.76
C TRP B 258 22.64 6.44 27.61
N GLU B 259 23.16 5.79 28.64
CA GLU B 259 24.06 6.49 29.55
C GLU B 259 25.30 7.03 28.83
N ASP B 260 25.89 6.25 27.92
CA ASP B 260 27.07 6.69 27.19
C ASP B 260 26.83 6.83 25.70
N LYS B 261 25.59 6.65 25.23
CA LYS B 261 25.25 6.68 23.80
C LYS B 261 26.07 5.69 22.99
N GLN B 262 26.23 4.48 23.49
CA GLN B 262 27.02 3.50 22.74
C GLN B 262 26.10 2.53 22.00
N TYR B 263 26.43 2.20 20.75
CA TYR B 263 25.61 1.32 19.92
C TYR B 263 26.14 -0.11 19.93
N PHE B 264 25.21 -1.05 19.80
CA PHE B 264 25.49 -2.47 19.64
C PHE B 264 24.58 -3.02 18.54
N VAL B 265 25.11 -3.93 17.72
CA VAL B 265 24.38 -4.44 16.57
C VAL B 265 24.41 -5.96 16.58
N GLN B 266 23.26 -6.56 16.27
CA GLN B 266 23.15 -7.97 15.99
C GLN B 266 22.81 -8.14 14.52
N PRO B 267 23.58 -8.93 13.76
CA PRO B 267 23.20 -9.19 12.37
C PRO B 267 22.03 -10.16 12.29
N SER B 268 21.17 -9.93 11.30
CA SER B 268 20.03 -10.79 11.04
C SER B 268 20.46 -12.21 10.72
N ASN B 269 19.68 -13.18 11.20
CA ASN B 269 19.89 -14.58 10.81
C ASN B 269 19.36 -14.89 9.41
N ARG B 270 18.48 -14.04 8.88
CA ARG B 270 17.90 -14.26 7.57
C ARG B 270 18.94 -14.30 6.45
C1E A1L89 C 1 1.42 -4.43 -4.18
C2A A1L89 C 1 2.85 -8.62 -3.27
C2E A1L89 C 1 1.78 -2.94 -4.35
C3E A1L89 C 1 0.42 -2.25 -4.13
C4A A1L89 C 1 2.70 -6.61 -4.49
C4E A1L89 C 1 -0.64 -3.31 -4.46
C5A A1L89 C 1 3.56 -7.11 -5.42
C5E A1L89 C 1 -1.39 -2.98 -5.76
C6A A1L89 C 1 4.08 -8.41 -5.25
C8A A1L89 C 1 3.00 -5.09 -6.06
N1A A1L89 C 1 3.71 -9.14 -4.17
N3A A1L89 C 1 2.35 -7.38 -3.42
N6A A1L89 C 1 4.94 -8.92 -6.16
N7A A1L89 C 1 3.74 -6.14 -6.38
N9A A1L89 C 1 2.37 -5.35 -4.88
O1A A1L89 C 1 -0.78 -4.78 -8.14
O1B A1L89 C 1 -1.20 -0.41 -9.65
O1D A1L89 C 1 -7.14 -2.52 -6.22
O1G A1L89 C 1 -3.02 -1.00 -5.06
O2A A1L89 C 1 0.45 -2.83 -9.09
O2B A1L89 C 1 -3.63 -0.84 -9.74
O2D A1L89 C 1 -6.84 -0.23 -5.31
O2E A1L89 C 1 2.73 -2.57 -3.35
O2G A1L89 C 1 -4.24 0.98 -5.87
O3A A1L89 C 1 -2.07 -2.58 -8.70
O3B A1L89 C 1 -2.56 -0.19 -7.46
O3E A1L89 C 1 0.20 -2.23 -2.71
O3G A1L89 C 1 -4.93 -1.33 -6.75
O4E A1L89 C 1 0.08 -4.55 -4.63
O5E A1L89 C 1 -0.40 -2.71 -6.76
O5F A1L89 C 1 -7.21 -0.57 -7.74
PA A1L89 C 1 -0.67 -3.26 -8.18
PB A1L89 C 1 -2.39 -0.98 -8.91
PD A1L89 C 1 -6.56 -1.16 -6.50
PG A1L89 C 1 -3.69 -0.36 -6.26
C1E A1L89 D 1 10.35 -1.30 2.36
C2A A1L89 D 1 14.24 0.48 0.79
C2E A1L89 D 1 9.66 -2.65 2.67
C3E A1L89 D 1 8.15 -2.33 2.68
C4A A1L89 D 1 12.84 -0.70 2.28
C4E A1L89 D 1 8.21 -0.88 3.20
C5A A1L89 D 1 13.91 -0.95 3.08
C5E A1L89 D 1 7.82 -0.62 4.67
C6A A1L89 D 1 15.18 -0.47 2.72
C8A A1L89 D 1 12.16 -1.89 4.01
N1A A1L89 D 1 15.32 0.25 1.57
N3A A1L89 D 1 13.02 0.02 1.13
N6A A1L89 D 1 16.26 -0.71 3.52
N7A A1L89 D 1 13.47 -1.67 4.15
N9A A1L89 D 1 11.74 -1.28 2.87
O1A A1L89 D 1 10.14 -1.76 7.53
O1B A1L89 D 1 7.38 -2.53 9.16
O1D A1L89 D 1 4.38 3.13 7.61
O1G A1L89 D 1 5.27 -0.88 4.84
O2A A1L89 D 1 10.02 0.52 6.53
O2B A1L89 D 1 5.98 -0.51 9.45
O2D A1L89 D 1 3.58 2.36 5.41
O2E A1L89 D 1 9.95 -3.58 1.62
O2G A1L89 D 1 3.38 -1.19 6.39
O3A A1L89 D 1 7.97 -0.38 7.83
O3B A1L89 D 1 5.74 -1.79 7.27
O3E A1L89 D 1 7.84 -2.37 1.28
O3G A1L89 D 1 4.97 0.72 6.86
O4E A1L89 D 1 9.53 -0.34 3.03
O5E A1L89 D 1 8.71 -1.36 5.53
O5F A1L89 D 1 2.57 1.43 7.45
PA A1L89 D 1 9.25 -0.75 6.85
PB A1L89 D 1 6.78 -1.33 8.46
PD A1L89 D 1 3.86 1.94 6.87
PG A1L89 D 1 4.85 -0.82 6.28
C1 GOL E . -21.79 14.67 -23.56
O1 GOL E . -21.63 15.88 -22.87
C2 GOL E . -22.98 14.00 -22.87
O2 GOL E . -24.05 14.88 -22.76
C3 GOL E . -23.35 12.80 -23.72
O3 GOL E . -24.66 12.47 -23.34
H11 GOL E . -21.01 14.09 -23.50
H12 GOL E . -21.97 14.78 -24.50
HO1 GOL E . -20.89 16.21 -23.12
H2 GOL E . -22.73 13.72 -21.98
HO2 GOL E . -24.23 15.18 -23.55
H31 GOL E . -22.72 12.08 -23.55
H32 GOL E . -23.26 13.02 -24.66
HO3 GOL E . -24.63 12.15 -22.55
S SO4 F . -10.82 -20.18 -24.26
O1 SO4 F . -11.25 -20.16 -25.67
O2 SO4 F . -11.98 -20.47 -23.42
O3 SO4 F . -9.81 -21.21 -24.07
O4 SO4 F . -10.26 -18.89 -23.90
MN MN G . -0.85 -1.38 -12.22
MG MG H . -1.27 -1.43 -12.30
MN MN I . -4.57 -1.45 -11.84
N1 EPE J . -10.37 -3.55 6.36
C2 EPE J . -11.71 -3.33 5.80
C3 EPE J . -12.63 -2.99 6.95
N4 EPE J . -12.18 -1.75 7.51
C5 EPE J . -10.76 -1.64 7.80
C6 EPE J . -10.13 -3.03 7.70
C7 EPE J . -12.72 -0.62 6.82
C8 EPE J . -14.20 -0.47 7.15
O8 EPE J . -14.39 0.89 7.45
C9 EPE J . -10.09 -4.98 6.33
C10 EPE J . -8.79 -4.99 5.57
S EPE J . -8.08 -6.63 5.44
O1S EPE J . -8.20 -7.08 4.06
O2S EPE J . -6.68 -6.43 5.84
O3S EPE J . -8.77 -7.58 6.30
H21 EPE J . -12.06 -4.21 5.27
H22 EPE J . -11.69 -2.50 5.08
H31 EPE J . -12.60 -3.78 7.71
H32 EPE J . -13.66 -2.90 6.62
H51 EPE J . -10.61 -1.23 8.79
H52 EPE J . -10.29 -0.97 7.07
H61 EPE J . -10.58 -3.69 8.45
H62 EPE J . -9.07 -2.97 7.90
H71 EPE J . -12.60 -0.74 5.75
H72 EPE J . -12.20 0.28 7.12
H81 EPE J . -14.47 -1.10 8.00
H82 EPE J . -14.82 -0.77 6.31
HO8 EPE J . -15.34 1.06 7.60
H91 EPE J . -9.98 -5.39 7.33
H92 EPE J . -10.88 -5.54 5.82
H101 EPE J . -8.96 -4.61 4.57
H102 EPE J . -8.08 -4.34 6.07
S SO4 K . 21.61 13.52 26.49
O1 SO4 K . 21.74 13.45 25.04
O2 SO4 K . 20.53 14.44 26.85
O3 SO4 K . 21.28 12.19 27.01
O4 SO4 K . 22.87 13.97 27.08
MN MN L . 8.82 -1.80 11.12
MG MG M . 8.66 -1.93 11.22
MN MN N . 6.45 0.44 11.42
#